data_3SLM
#
_entry.id   3SLM
#
_cell.length_a   95.954
_cell.length_b   66.058
_cell.length_c   72.503
_cell.angle_alpha   90.00
_cell.angle_beta   117.95
_cell.angle_gamma   90.00
#
_symmetry.space_group_name_H-M   'C 1 2 1'
#
loop_
_entity.id
_entity.type
_entity.pdbx_description
1 polymer 'RNA (68-MER)'
2 non-polymer "2'-DEOXYGUANOSINE-5'-MONOPHOSPHATE"
3 non-polymer 'SULFATE ION'
4 non-polymer 'SUCCINIC ACID'
5 non-polymer 'MAGNESIUM ION'
6 water water
#
_entity_poly.entity_id   1
_entity_poly.type   'polyribonucleotide'
_entity_poly.pdbx_seq_one_letter_code
;(GTP)GCCUUAUACAGGGUAGCAUAAUGGGCUACUGACCCCGCCUUCAAACCUAUUUGGAGACUAUAAGGU(CCC)
;
_entity_poly.pdbx_strand_id   A,B
#